data_5IYR
#
_entry.id   5IYR
#
_cell.length_a   90.290
_cell.length_b   106.470
_cell.length_c   135.470
_cell.angle_alpha   90.000
_cell.angle_beta   90.000
_cell.angle_gamma   90.000
#
_symmetry.space_group_name_H-M   'I 2 2 2'
#
loop_
_entity.id
_entity.type
_entity.pdbx_description
1 polymer 'GII.4 norovirus CHDC2094 capsid'
2 branched alpha-L-fucopyranose-(1-2)-beta-D-galactopyranose-(1-4)-alpha-D-glucopyranose
3 non-polymer 'CITRATE ANION'
4 water water
#
_entity_poly.entity_id   1
_entity_poly.type   'polypeptide(L)'
_entity_poly.pdbx_seq_one_letter_code
;SKPFTVPILTVEEMSNSRFPIPLEKLYTGPSSAFVVQPQNGRCTTDGVLLGTTQLSAVNICNFRGDVTRVGISHDYTMNL
VSQNWNNYDPTEEIPAPLGTPDFVGKIQGLLTQTTRADGSTRAHKATVSTGSVHFTPKLGSVQFTTDTNNDFQTGQNTKF
TPVGVIQDGDHHQNEPQQWVLPNYSGTSGHNVHLAPAVAPTFPGEQLLFFRSTMPGCSGYPNMNLDCLLPQEWVSHFYQE
AAPAQSDVALLRFVNPDTGRVLFECKLHKSGYITVAHTGPYDLVIPPNGYFRFDSWVNQFYTLAPM
;
_entity_poly.pdbx_strand_id   A,B
#
# COMPACT_ATOMS: atom_id res chain seq x y z
N LYS A 2 -23.05 -15.53 -10.64
CA LYS A 2 -21.84 -15.63 -9.80
C LYS A 2 -22.14 -15.19 -8.37
N PRO A 3 -21.88 -16.06 -7.39
CA PRO A 3 -22.22 -15.70 -6.01
C PRO A 3 -21.38 -14.55 -5.48
N PHE A 4 -22.04 -13.62 -4.80
CA PHE A 4 -21.36 -12.51 -4.18
C PHE A 4 -20.63 -12.97 -2.92
N THR A 5 -19.47 -12.36 -2.67
CA THR A 5 -18.67 -12.61 -1.49
C THR A 5 -17.94 -11.34 -1.08
N VAL A 6 -17.56 -11.26 0.18
CA VAL A 6 -16.62 -10.24 0.62
C VAL A 6 -15.35 -10.98 1.08
N PRO A 7 -14.20 -10.29 1.06
CA PRO A 7 -12.96 -10.94 1.47
C PRO A 7 -13.00 -11.48 2.91
N ILE A 8 -12.19 -12.48 3.19
CA ILE A 8 -12.12 -13.07 4.53
C ILE A 8 -11.00 -12.48 5.37
N LEU A 9 -10.31 -11.48 4.84
CA LEU A 9 -9.28 -10.78 5.60
C LEU A 9 -9.84 -10.11 6.84
N THR A 10 -9.05 -10.14 7.91
CA THR A 10 -9.40 -9.43 9.12
C THR A 10 -9.16 -7.93 8.92
N VAL A 11 -9.71 -7.13 9.82
CA VAL A 11 -9.58 -5.68 9.73
C VAL A 11 -8.12 -5.24 9.64
N GLU A 12 -7.28 -5.78 10.53
CA GLU A 12 -5.89 -5.34 10.58
C GLU A 12 -5.02 -5.92 9.46
N GLU A 13 -5.58 -6.83 8.65
CA GLU A 13 -4.90 -7.34 7.47
C GLU A 13 -5.20 -6.47 6.27
N MET A 14 -6.02 -5.44 6.44
CA MET A 14 -6.44 -4.62 5.30
C MET A 14 -5.96 -3.19 5.39
N SER A 15 -6.17 -2.46 4.30
CA SER A 15 -5.66 -1.10 4.11
C SER A 15 -6.79 -0.10 4.01
N ASN A 16 -6.53 1.10 4.49
CA ASN A 16 -7.45 2.20 4.34
C ASN A 16 -7.52 2.57 2.87
N SER A 17 -8.72 2.86 2.38
CA SER A 17 -8.91 3.21 0.98
C SER A 17 -8.79 4.72 0.75
N ARG A 18 -8.47 5.51 1.78
CA ARG A 18 -8.36 6.97 1.61
C ARG A 18 -6.96 7.50 1.93
N PHE A 19 -6.05 6.63 2.36
CA PHE A 19 -4.67 7.02 2.65
C PHE A 19 -3.88 5.72 2.77
N PRO A 20 -2.61 5.69 2.33
CA PRO A 20 -1.88 4.41 2.28
C PRO A 20 -1.34 3.94 3.64
N ILE A 21 -2.27 3.58 4.52
CA ILE A 21 -1.95 3.11 5.86
C ILE A 21 -2.88 1.95 6.20
N PRO A 22 -2.48 1.09 7.14
CA PRO A 22 -3.35 -0.03 7.49
C PRO A 22 -4.61 0.39 8.21
N LEU A 23 -5.65 -0.43 8.10
CA LEU A 23 -6.80 -0.27 8.99
C LEU A 23 -6.44 -0.66 10.40
N GLU A 24 -7.12 -0.03 11.35
CA GLU A 24 -6.87 -0.27 12.76
C GLU A 24 -8.06 -0.80 13.53
N LYS A 25 -9.25 -0.30 13.20
CA LYS A 25 -10.42 -0.58 14.04
C LYS A 25 -11.68 -0.21 13.30
N LEU A 26 -12.82 -0.59 13.89
CA LEU A 26 -14.14 -0.25 13.37
C LEU A 26 -14.82 0.73 14.30
N TYR A 27 -15.53 1.69 13.72
CA TYR A 27 -16.18 2.73 14.49
C TYR A 27 -17.56 2.99 13.89
N THR A 28 -18.56 3.23 14.73
CA THR A 28 -19.83 3.74 14.26
C THR A 28 -20.16 4.98 15.05
N GLY A 29 -20.87 5.90 14.40
CA GLY A 29 -21.31 7.11 15.07
C GLY A 29 -22.32 7.83 14.22
N PRO A 30 -22.98 8.84 14.80
CA PRO A 30 -23.92 9.64 14.04
C PRO A 30 -23.21 10.46 13.00
N SER A 31 -23.89 10.68 11.87
CA SER A 31 -23.33 11.49 10.82
C SER A 31 -24.38 12.35 10.15
N SER A 32 -25.45 12.64 10.87
CA SER A 32 -26.53 13.47 10.34
C SER A 32 -26.11 14.91 10.20
N ALA A 33 -25.16 15.33 11.02
CA ALA A 33 -24.82 16.74 11.12
C ALA A 33 -23.78 17.16 10.10
N PHE A 34 -23.29 16.24 9.29
CA PHE A 34 -22.30 16.57 8.27
C PHE A 34 -22.40 15.67 7.06
N VAL A 35 -21.75 16.06 5.97
CA VAL A 35 -21.83 15.37 4.70
C VAL A 35 -20.74 14.31 4.62
N VAL A 36 -21.14 13.07 4.40
CA VAL A 36 -20.18 11.98 4.22
C VAL A 36 -20.12 11.67 2.73
N GLN A 37 -19.09 12.17 2.06
CA GLN A 37 -18.97 12.06 0.62
C GLN A 37 -17.53 11.83 0.20
N PRO A 38 -16.86 10.83 0.81
CA PRO A 38 -15.49 10.54 0.38
C PRO A 38 -15.48 10.08 -1.07
N GLN A 39 -14.37 10.33 -1.76
CA GLN A 39 -14.29 9.99 -3.18
C GLN A 39 -13.34 8.84 -3.46
N ASN A 40 -12.45 8.56 -2.51
CA ASN A 40 -11.66 7.34 -2.50
C ASN A 40 -12.33 6.26 -1.66
N GLY A 41 -12.09 5.00 -2.00
CA GLY A 41 -12.79 3.91 -1.35
C GLY A 41 -14.26 3.82 -1.70
N ARG A 42 -14.58 4.13 -2.95
CA ARG A 42 -15.96 4.13 -3.44
C ARG A 42 -16.09 3.15 -4.61
N CYS A 43 -16.93 2.13 -4.40
CA CYS A 43 -17.07 1.03 -5.32
C CYS A 43 -18.40 0.36 -5.04
N THR A 44 -19.14 0.00 -6.08
CA THR A 44 -20.37 -0.75 -5.88
C THR A 44 -20.04 -2.21 -5.63
N THR A 45 -20.98 -2.94 -5.03
CA THR A 45 -20.73 -4.34 -4.74
C THR A 45 -20.54 -5.17 -6.01
N ASP A 46 -21.04 -4.71 -7.16
CA ASP A 46 -20.84 -5.44 -8.42
C ASP A 46 -19.67 -4.86 -9.23
N GLY A 47 -18.84 -4.07 -8.56
CA GLY A 47 -17.52 -3.76 -9.06
C GLY A 47 -17.34 -2.52 -9.88
N VAL A 48 -18.25 -1.55 -9.76
CA VAL A 48 -18.11 -0.28 -10.47
C VAL A 48 -17.42 0.72 -9.59
N LEU A 49 -16.25 1.18 -10.03
CA LEU A 49 -15.48 2.17 -9.28
C LEU A 49 -16.14 3.54 -9.42
N LEU A 50 -16.15 4.30 -8.33
CA LEU A 50 -16.81 5.61 -8.25
C LEU A 50 -15.83 6.68 -7.80
N GLY A 51 -16.22 7.93 -7.97
CA GLY A 51 -15.42 9.04 -7.49
C GLY A 51 -14.02 9.03 -8.10
N THR A 52 -13.02 9.14 -7.23
CA THR A 52 -11.63 9.11 -7.65
C THR A 52 -10.97 7.77 -7.29
N THR A 53 -11.77 6.72 -7.13
CA THR A 53 -11.24 5.46 -6.65
C THR A 53 -10.49 4.67 -7.71
N GLN A 54 -9.31 4.21 -7.32
CA GLN A 54 -8.53 3.28 -8.12
C GLN A 54 -8.15 2.08 -7.26
N LEU A 55 -7.32 1.17 -7.79
CA LEU A 55 -7.26 -0.17 -7.24
C LEU A 55 -6.15 -0.46 -6.23
N SER A 56 -5.14 0.37 -6.13
CA SER A 56 -4.05 0.11 -5.20
C SER A 56 -3.94 1.06 -4.02
N ALA A 57 -3.69 0.52 -2.85
CA ALA A 57 -3.60 1.40 -1.70
C ALA A 57 -2.34 2.24 -1.79
N VAL A 58 -1.28 1.72 -2.41
CA VAL A 58 -0.05 2.47 -2.38
C VAL A 58 -0.06 3.67 -3.32
N ASN A 59 -1.09 3.87 -4.15
CA ASN A 59 -1.16 5.02 -5.05
CA ASN A 59 -1.10 5.03 -5.01
C ASN A 59 -1.96 6.19 -4.49
N ILE A 60 -2.59 5.99 -3.35
CA ILE A 60 -3.51 6.99 -2.83
C ILE A 60 -2.75 8.19 -2.27
N CYS A 61 -3.17 9.39 -2.66
CA CYS A 61 -2.56 10.65 -2.23
C CYS A 61 -1.11 10.77 -2.70
N ASN A 62 -0.74 10.01 -3.73
CA ASN A 62 0.54 10.14 -4.42
C ASN A 62 0.34 11.14 -5.55
N PHE A 63 1.40 11.87 -5.91
CA PHE A 63 1.37 12.74 -7.08
C PHE A 63 2.64 12.55 -7.91
N ARG A 64 2.49 12.65 -9.23
CA ARG A 64 3.63 12.54 -10.15
C ARG A 64 3.58 13.60 -11.22
N GLY A 65 4.75 14.05 -11.64
CA GLY A 65 4.85 15.00 -12.74
C GLY A 65 6.19 15.70 -12.77
N ASP A 66 6.26 16.79 -13.52
CA ASP A 66 7.41 17.68 -13.49
C ASP A 66 7.08 18.85 -12.60
N VAL A 67 8.12 19.49 -12.06
CA VAL A 67 7.92 20.63 -11.18
C VAL A 67 8.67 21.86 -11.63
N THR A 68 8.08 23.00 -11.28
CA THR A 68 8.66 24.30 -11.54
CA THR A 68 8.69 24.30 -11.54
C THR A 68 8.57 25.13 -10.27
N ARG A 69 9.64 25.84 -9.94
CA ARG A 69 9.65 26.66 -8.74
C ARG A 69 8.70 27.84 -8.90
N VAL A 70 8.03 28.18 -7.81
CA VAL A 70 7.21 29.39 -7.78
C VAL A 70 8.11 30.56 -7.40
N GLY A 71 8.40 31.42 -8.38
CA GLY A 71 9.33 32.51 -8.16
C GLY A 71 10.67 31.97 -7.73
N ILE A 72 11.26 32.55 -6.68
CA ILE A 72 12.47 31.97 -6.08
C ILE A 72 12.19 31.44 -4.65
N SER A 73 10.94 31.09 -4.41
CA SER A 73 10.46 30.59 -3.13
C SER A 73 10.78 29.11 -2.93
N HIS A 74 10.31 28.59 -1.81
CA HIS A 74 10.43 27.17 -1.50
C HIS A 74 9.26 26.36 -2.04
N ASP A 75 8.35 27.02 -2.76
CA ASP A 75 7.18 26.33 -3.31
C ASP A 75 7.42 25.89 -4.74
N TYR A 76 6.83 24.75 -5.10
CA TYR A 76 6.92 24.18 -6.44
C TYR A 76 5.55 23.77 -6.94
N THR A 77 5.30 24.10 -8.19
CA THR A 77 4.13 23.65 -8.91
C THR A 77 4.44 22.33 -9.59
N MET A 78 3.56 21.33 -9.42
CA MET A 78 3.68 20.07 -10.14
C MET A 78 2.61 19.99 -11.21
N ASN A 79 3.05 19.79 -12.45
CA ASN A 79 2.14 19.47 -13.54
C ASN A 79 1.89 17.97 -13.61
N LEU A 80 0.68 17.57 -13.20
CA LEU A 80 0.36 16.17 -12.94
C LEU A 80 0.32 15.31 -14.18
N VAL A 81 0.87 14.10 -14.03
CA VAL A 81 0.72 13.01 -14.98
C VAL A 81 0.12 11.81 -14.26
N SER A 82 -0.12 10.74 -15.01
CA SER A 82 -0.71 9.53 -14.46
C SER A 82 0.31 8.68 -13.70
N GLN A 83 -0.19 7.63 -13.06
CA GLN A 83 0.62 6.72 -12.28
C GLN A 83 1.83 6.20 -13.05
N ASN A 84 1.68 6.02 -14.36
CA ASN A 84 2.77 5.51 -15.20
C ASN A 84 3.35 6.56 -16.13
N TRP A 85 3.22 7.83 -15.73
CA TRP A 85 3.91 8.99 -16.31
C TRP A 85 3.32 9.47 -17.61
N ASN A 86 2.14 8.97 -17.93
CA ASN A 86 1.46 9.39 -19.15
C ASN A 86 0.36 10.43 -18.87
N ASN A 87 -0.41 10.80 -19.88
CA ASN A 87 -1.24 11.98 -19.76
C ASN A 87 -2.38 11.84 -18.77
N TYR A 88 -2.63 12.91 -18.02
CA TYR A 88 -3.89 13.06 -17.28
C TYR A 88 -4.80 13.94 -18.14
N ASP A 89 -6.01 13.48 -18.38
CA ASP A 89 -6.98 14.16 -19.21
C ASP A 89 -8.03 14.83 -18.33
N PRO A 90 -7.98 16.16 -18.23
CA PRO A 90 -8.94 16.86 -17.38
C PRO A 90 -10.38 16.73 -17.86
N THR A 91 -10.59 16.31 -19.10
CA THR A 91 -11.97 16.17 -19.61
C THR A 91 -12.61 14.83 -19.27
N GLU A 92 -11.84 13.91 -18.74
CA GLU A 92 -12.41 12.67 -18.24
C GLU A 92 -13.40 13.02 -17.13
N GLU A 93 -14.59 12.39 -17.15
CA GLU A 93 -15.64 12.75 -16.18
C GLU A 93 -15.45 12.06 -14.83
N ILE A 94 -14.35 12.43 -14.19
CA ILE A 94 -14.06 12.09 -12.80
C ILE A 94 -13.76 13.41 -12.08
N PRO A 95 -13.85 13.42 -10.74
CA PRO A 95 -13.70 14.71 -10.04
C PRO A 95 -12.30 15.30 -10.13
N ALA A 96 -11.32 14.44 -10.36
CA ALA A 96 -9.91 14.76 -10.25
C ALA A 96 -9.20 13.49 -10.60
N PRO A 97 -7.88 13.51 -10.77
CA PRO A 97 -7.18 12.25 -11.03
C PRO A 97 -7.50 11.18 -9.99
N LEU A 98 -7.53 9.93 -10.41
CA LEU A 98 -7.78 8.84 -9.48
C LEU A 98 -6.71 8.88 -8.38
N GLY A 99 -7.14 8.72 -7.13
CA GLY A 99 -6.24 8.73 -5.99
C GLY A 99 -5.99 10.08 -5.34
N THR A 100 -6.51 11.16 -5.93
CA THR A 100 -6.40 12.50 -5.36
C THR A 100 -6.94 12.53 -3.94
N PRO A 101 -6.27 13.26 -3.02
CA PRO A 101 -6.85 13.38 -1.68
C PRO A 101 -8.31 13.87 -1.69
N ASP A 102 -9.13 13.32 -0.80
CA ASP A 102 -10.54 13.67 -0.73
C ASP A 102 -10.90 14.29 0.61
N PHE A 103 -9.97 15.06 1.16
CA PHE A 103 -10.23 15.81 2.37
C PHE A 103 -9.42 17.09 2.36
N VAL A 104 -9.90 18.08 3.09
CA VAL A 104 -9.18 19.34 3.24
C VAL A 104 -8.17 19.19 4.36
N GLY A 105 -6.89 19.36 4.02
CA GLY A 105 -5.84 19.18 4.99
C GLY A 105 -4.48 19.37 4.35
N LYS A 106 -3.48 19.45 5.21
CA LYS A 106 -2.11 19.65 4.83
C LYS A 106 -1.40 18.31 4.99
N ILE A 107 -1.04 17.72 3.86
CA ILE A 107 -0.45 16.39 3.79
C ILE A 107 1.04 16.56 3.62
N GLN A 108 1.82 15.97 4.53
CA GLN A 108 3.24 16.06 4.46
C GLN A 108 3.81 14.73 3.99
N GLY A 109 4.92 14.79 3.28
CA GLY A 109 5.59 13.62 2.77
C GLY A 109 6.95 14.02 2.23
N LEU A 110 7.50 13.20 1.32
CA LEU A 110 8.74 13.56 0.62
C LEU A 110 8.46 13.71 -0.84
N LEU A 111 9.03 14.78 -1.40
CA LEU A 111 9.02 15.01 -2.82
C LEU A 111 10.36 14.53 -3.35
N THR A 112 10.34 13.54 -4.24
CA THR A 112 11.56 12.90 -4.74
C THR A 112 11.70 13.11 -6.23
N GLN A 113 12.93 13.08 -6.72
CA GLN A 113 13.17 13.34 -8.12
C GLN A 113 14.41 12.59 -8.61
N THR A 114 14.35 12.14 -9.85
CA THR A 114 15.50 11.53 -10.54
C THR A 114 15.84 12.35 -11.76
N THR A 115 17.13 12.64 -11.96
CA THR A 115 17.60 13.24 -13.20
C THR A 115 17.87 12.13 -14.19
N ARG A 116 17.08 12.07 -15.26
CA ARG A 116 17.16 11.01 -16.25
C ARG A 116 18.58 10.78 -16.78
N ALA A 117 19.26 11.87 -17.11
CA ALA A 117 20.55 11.80 -17.81
C ALA A 117 21.68 11.12 -17.04
N ASP A 118 21.70 11.22 -15.71
CA ASP A 118 22.81 10.66 -14.93
C ASP A 118 22.38 9.83 -13.73
N GLY A 119 21.07 9.68 -13.52
CA GLY A 119 20.59 8.86 -12.43
C GLY A 119 20.81 9.45 -11.06
N SER A 120 21.06 10.75 -11.01
CA SER A 120 21.18 11.43 -9.73
C SER A 120 19.78 11.62 -9.14
N THR A 121 19.70 11.59 -7.82
CA THR A 121 18.41 11.61 -7.14
C THR A 121 18.42 12.54 -5.94
N ARG A 122 17.22 12.89 -5.47
CA ARG A 122 17.07 13.87 -4.41
C ARG A 122 15.70 13.74 -3.75
N ALA A 123 15.60 14.21 -2.51
CA ALA A 123 14.34 14.14 -1.77
C ALA A 123 14.29 15.26 -0.76
N HIS A 124 13.13 15.90 -0.67
CA HIS A 124 12.92 17.00 0.24
C HIS A 124 11.58 16.90 0.95
N LYS A 125 11.54 17.26 2.23
CA LYS A 125 10.27 17.31 2.94
C LYS A 125 9.35 18.31 2.21
N ALA A 126 8.09 17.92 2.05
CA ALA A 126 7.15 18.74 1.31
C ALA A 126 5.75 18.56 1.85
N THR A 127 4.96 19.61 1.71
CA THR A 127 3.57 19.62 2.14
C THR A 127 2.68 20.10 1.02
N VAL A 128 1.55 19.43 0.83
CA VAL A 128 0.51 19.89 -0.07
C VAL A 128 -0.71 20.24 0.76
N SER A 129 -1.13 21.49 0.63
CA SER A 129 -2.30 21.98 1.32
C SER A 129 -3.49 21.86 0.41
N THR A 130 -4.38 20.90 0.70
CA THR A 130 -5.47 20.66 -0.23
C THR A 130 -6.60 21.71 -0.15
N GLY A 131 -6.56 22.57 0.87
CA GLY A 131 -7.47 23.71 0.97
C GLY A 131 -6.98 24.97 0.27
N SER A 132 -5.76 24.90 -0.27
CA SER A 132 -5.13 26.06 -0.89
C SER A 132 -5.79 26.37 -2.21
N VAL A 133 -5.83 27.64 -2.59
CA VAL A 133 -6.32 28.01 -3.92
C VAL A 133 -5.44 27.41 -5.02
N HIS A 134 -4.23 26.98 -4.68
CA HIS A 134 -3.35 26.38 -5.67
C HIS A 134 -3.49 24.86 -5.76
N PHE A 135 -4.39 24.28 -4.97
CA PHE A 135 -4.73 22.87 -5.10
C PHE A 135 -5.77 22.71 -6.19
N THR A 136 -5.30 22.43 -7.40
CA THR A 136 -6.19 22.40 -8.55
C THR A 136 -5.93 21.15 -9.39
N PRO A 137 -6.02 19.98 -8.76
CA PRO A 137 -5.66 18.76 -9.51
C PRO A 137 -6.57 18.49 -10.71
N LYS A 138 -7.83 18.89 -10.66
CA LYS A 138 -8.74 18.70 -11.79
C LYS A 138 -8.33 19.59 -12.96
N LEU A 139 -7.54 20.64 -12.68
CA LEU A 139 -6.94 21.46 -13.73
C LEU A 139 -5.60 20.94 -14.21
N GLY A 140 -5.03 20.00 -13.46
CA GLY A 140 -3.79 19.36 -13.82
C GLY A 140 -2.58 19.81 -13.03
N SER A 141 -2.77 20.55 -11.94
CA SER A 141 -1.63 20.98 -11.13
C SER A 141 -1.93 21.13 -9.64
N VAL A 142 -0.90 20.90 -8.83
CA VAL A 142 -0.96 21.22 -7.42
C VAL A 142 0.33 21.88 -7.03
N GLN A 143 0.33 22.51 -5.85
CA GLN A 143 1.50 23.24 -5.37
C GLN A 143 1.97 22.62 -4.05
N PHE A 144 3.28 22.47 -3.93
CA PHE A 144 3.94 21.96 -2.72
C PHE A 144 4.78 23.03 -2.07
N THR A 145 4.77 23.09 -0.75
CA THR A 145 5.78 23.84 0.01
C THR A 145 6.86 22.87 0.41
N THR A 146 8.12 23.18 0.10
CA THR A 146 9.21 22.26 0.38
C THR A 146 10.28 22.89 1.25
N ASP A 147 11.27 22.09 1.62
CA ASP A 147 12.36 22.60 2.44
C ASP A 147 13.54 23.04 1.58
N THR A 148 13.33 23.17 0.26
CA THR A 148 14.39 23.68 -0.61
C THR A 148 13.89 24.78 -1.53
N ASN A 149 14.76 25.71 -1.90
CA ASN A 149 14.40 26.69 -2.91
C ASN A 149 15.31 26.61 -4.12
N ASN A 150 15.97 25.47 -4.32
CA ASN A 150 16.89 25.33 -5.46
C ASN A 150 17.26 23.93 -5.93
N ASP A 151 16.90 22.88 -5.22
CA ASP A 151 17.50 21.58 -5.54
C ASP A 151 16.72 20.86 -6.64
N PHE A 152 15.43 21.15 -6.79
CA PHE A 152 14.64 20.47 -7.81
C PHE A 152 14.83 21.04 -9.20
N GLN A 153 15.00 20.12 -10.15
CA GLN A 153 15.21 20.48 -11.55
C GLN A 153 13.92 20.47 -12.34
N THR A 154 13.91 21.18 -13.46
CA THR A 154 12.75 21.17 -14.36
C THR A 154 12.84 20.01 -15.34
N GLY A 155 11.69 19.56 -15.83
CA GLY A 155 11.66 18.53 -16.86
C GLY A 155 12.09 17.14 -16.39
N GLN A 156 12.07 16.93 -15.08
CA GLN A 156 12.51 15.66 -14.49
C GLN A 156 11.37 15.01 -13.73
N ASN A 157 11.28 13.69 -13.83
CA ASN A 157 10.26 12.94 -13.11
C ASN A 157 10.34 13.15 -11.61
N THR A 158 9.22 13.58 -11.05
CA THR A 158 9.10 13.94 -9.65
C THR A 158 7.89 13.27 -9.03
N LYS A 159 8.04 12.72 -7.82
CA LYS A 159 6.97 12.01 -7.13
C LYS A 159 6.79 12.53 -5.71
N PHE A 160 5.55 12.73 -5.31
CA PHE A 160 5.22 12.97 -3.91
C PHE A 160 4.73 11.69 -3.27
N THR A 161 5.40 11.27 -2.21
CA THR A 161 4.93 10.16 -1.39
C THR A 161 4.37 10.73 -0.10
N PRO A 162 3.07 10.50 0.16
CA PRO A 162 2.47 11.01 1.39
C PRO A 162 2.91 10.23 2.61
N VAL A 163 2.99 10.89 3.77
CA VAL A 163 3.28 10.21 5.02
C VAL A 163 2.23 10.48 6.07
N GLY A 164 1.82 11.74 6.23
CA GLY A 164 0.84 12.08 7.24
C GLY A 164 0.35 13.50 7.09
N VAL A 165 -0.13 14.07 8.18
CA VAL A 165 -0.81 15.36 8.14
C VAL A 165 -0.26 16.29 9.20
N ILE A 166 -0.39 17.58 8.94
CA ILE A 166 0.02 18.60 9.89
C ILE A 166 -1.12 19.54 10.23
N GLN A 167 -0.90 20.33 11.29
CA GLN A 167 -1.85 21.34 11.71
C GLN A 167 -1.11 22.57 12.15
N ASP A 168 -1.78 23.72 11.99
CA ASP A 168 -1.37 25.03 12.52
C ASP A 168 -2.51 25.71 13.28
N GLY A 169 -2.24 26.30 14.45
CA GLY A 169 -3.24 27.09 15.15
C GLY A 169 -3.50 26.73 16.61
N HIS A 172 -6.82 23.34 18.54
CA HIS A 172 -6.11 22.08 18.28
C HIS A 172 -7.07 21.07 17.64
N GLN A 173 -6.53 20.22 16.77
CA GLN A 173 -7.30 19.23 15.99
C GLN A 173 -8.41 19.84 15.13
N ASN A 174 -8.23 21.09 14.67
CA ASN A 174 -9.18 21.71 13.75
C ASN A 174 -8.97 21.36 12.27
N GLU A 175 -7.80 20.81 11.97
CA GLU A 175 -7.52 20.28 10.63
C GLU A 175 -6.69 19.02 10.80
N PRO A 176 -6.70 18.12 9.81
CA PRO A 176 -7.57 18.05 8.63
C PRO A 176 -9.05 17.97 8.97
N GLN A 177 -9.85 18.21 7.94
CA GLN A 177 -11.29 18.01 7.99
C GLN A 177 -11.64 16.86 7.05
N GLN A 178 -11.77 15.67 7.61
CA GLN A 178 -11.82 14.50 6.75
C GLN A 178 -13.11 14.38 5.96
N TRP A 179 -14.15 15.11 6.35
CA TRP A 179 -15.42 15.04 5.62
C TRP A 179 -15.72 16.27 4.79
N VAL A 180 -14.73 17.13 4.58
CA VAL A 180 -14.90 18.29 3.71
C VAL A 180 -14.04 18.03 2.48
N LEU A 181 -14.68 17.88 1.33
CA LEU A 181 -13.92 17.71 0.11
C LEU A 181 -13.18 18.99 -0.27
N PRO A 182 -11.99 18.84 -0.82
CA PRO A 182 -11.32 20.01 -1.37
C PRO A 182 -12.05 20.48 -2.62
N ASN A 183 -11.76 21.69 -3.05
CA ASN A 183 -12.20 22.14 -4.36
C ASN A 183 -11.18 21.72 -5.38
N TYR A 184 -11.51 20.68 -6.13
CA TYR A 184 -10.54 20.08 -7.03
C TYR A 184 -10.09 21.03 -8.15
N SER A 185 -10.90 22.05 -8.44
CA SER A 185 -10.56 23.08 -9.42
C SER A 185 -10.28 24.44 -8.79
N GLY A 186 -10.06 24.45 -7.50
CA GLY A 186 -9.85 25.71 -6.80
C GLY A 186 -11.04 26.65 -6.93
N THR A 187 -10.76 27.95 -7.10
CA THR A 187 -11.80 28.96 -7.22
C THR A 187 -12.44 28.97 -8.61
N SER A 188 -11.85 28.24 -9.55
CA SER A 188 -12.25 28.35 -10.94
C SER A 188 -13.49 27.57 -11.29
N GLY A 189 -13.92 26.67 -10.42
CA GLY A 189 -15.10 25.89 -10.73
C GLY A 189 -15.47 24.98 -9.59
N HIS A 190 -16.70 24.49 -9.64
CA HIS A 190 -17.23 23.62 -8.60
C HIS A 190 -16.86 22.16 -8.86
N ASN A 191 -16.87 21.37 -7.78
CA ASN A 191 -16.64 19.94 -7.90
C ASN A 191 -17.70 19.26 -8.76
N VAL A 192 -17.26 18.34 -9.61
CA VAL A 192 -18.14 17.60 -10.50
C VAL A 192 -17.86 16.11 -10.47
N HIS A 193 -18.86 15.32 -10.83
CA HIS A 193 -18.78 13.87 -11.02
C HIS A 193 -18.48 13.12 -9.74
N LEU A 194 -18.99 13.63 -8.61
CA LEU A 194 -18.70 13.04 -7.32
C LEU A 194 -19.48 11.75 -7.06
N ALA A 195 -18.84 10.79 -6.39
CA ALA A 195 -19.59 9.71 -5.79
C ALA A 195 -20.59 10.32 -4.81
N PRO A 196 -21.77 9.74 -4.70
CA PRO A 196 -22.82 10.38 -3.90
C PRO A 196 -22.51 10.42 -2.41
N ALA A 197 -23.13 11.38 -1.74
CA ALA A 197 -23.12 11.43 -0.29
C ALA A 197 -23.85 10.21 0.24
N VAL A 198 -23.41 9.72 1.38
CA VAL A 198 -24.03 8.54 1.99
C VAL A 198 -24.63 8.86 3.33
N ALA A 199 -25.74 8.20 3.62
CA ALA A 199 -26.44 8.36 4.89
C ALA A 199 -27.30 7.14 5.15
N PRO A 200 -27.43 6.74 6.41
CA PRO A 200 -28.43 5.73 6.73
C PRO A 200 -29.84 6.24 6.42
N THR A 201 -30.72 5.36 5.93
CA THR A 201 -32.09 5.77 5.64
C THR A 201 -33.10 5.02 6.50
N PHE A 202 -32.63 3.98 7.17
CA PHE A 202 -33.48 3.11 7.98
C PHE A 202 -33.39 3.58 9.44
N PRO A 203 -34.53 3.77 10.11
CA PRO A 203 -34.45 4.22 11.51
C PRO A 203 -33.61 3.30 12.36
N GLY A 204 -32.80 3.89 13.22
CA GLY A 204 -32.01 3.13 14.16
C GLY A 204 -30.64 2.75 13.63
N GLU A 205 -30.35 3.12 12.38
CA GLU A 205 -29.07 2.73 11.78
C GLU A 205 -28.06 3.89 11.68
N GLN A 206 -26.80 3.50 11.71
CA GLN A 206 -25.66 4.40 11.53
C GLN A 206 -24.68 3.79 10.54
N LEU A 207 -23.88 4.62 9.91
CA LEU A 207 -22.78 4.12 9.13
C LEU A 207 -21.78 3.36 10.00
N LEU A 208 -21.15 2.36 9.39
CA LEU A 208 -20.00 1.67 9.96
C LEU A 208 -18.76 2.14 9.20
N PHE A 209 -17.76 2.58 9.94
CA PHE A 209 -16.53 3.11 9.37
C PHE A 209 -15.36 2.22 9.65
N PHE A 210 -14.50 2.08 8.65
CA PHE A 210 -13.22 1.41 8.77
C PHE A 210 -12.19 2.50 9.07
N ARG A 211 -11.58 2.44 10.24
CA ARG A 211 -10.83 3.58 10.76
C ARG A 211 -9.33 3.32 10.88
N SER A 212 -8.56 4.33 10.53
CA SER A 212 -7.10 4.40 10.73
C SER A 212 -6.76 5.70 11.42
N THR A 213 -5.52 5.77 11.89
CA THR A 213 -4.94 6.99 12.43
C THR A 213 -3.82 7.43 11.49
N MET A 214 -4.01 8.56 10.82
CA MET A 214 -2.96 9.13 10.00
C MET A 214 -1.81 9.57 10.88
N PRO A 215 -0.57 9.30 10.45
CA PRO A 215 0.55 9.88 11.19
C PRO A 215 0.48 11.40 11.23
N GLY A 216 0.86 11.96 12.36
CA GLY A 216 0.95 13.39 12.52
C GLY A 216 2.39 13.85 12.34
N CYS A 217 2.59 14.95 11.62
CA CYS A 217 3.91 15.39 11.24
C CYS A 217 4.32 16.77 11.78
N SER A 218 3.36 17.49 12.38
CA SER A 218 3.63 18.80 12.98
C SER A 218 2.35 19.35 13.58
N GLY A 219 2.46 20.07 14.69
CA GLY A 219 1.28 20.66 15.27
C GLY A 219 0.38 19.66 15.95
N TYR A 220 -0.92 19.97 15.93
CA TYR A 220 -1.94 19.22 16.67
C TYR A 220 -3.07 18.78 15.73
N PRO A 221 -2.75 17.89 14.80
CA PRO A 221 -3.75 17.54 13.79
C PRO A 221 -4.83 16.56 14.27
N ASN A 222 -6.00 16.62 13.64
CA ASN A 222 -6.98 15.55 13.76
C ASN A 222 -6.58 14.40 12.86
N MET A 223 -6.19 13.28 13.47
CA MET A 223 -5.60 12.19 12.72
C MET A 223 -6.57 11.06 12.39
N ASN A 224 -7.82 11.17 12.81
CA ASN A 224 -8.80 10.14 12.44
C ASN A 224 -9.07 10.13 10.94
N LEU A 225 -9.09 8.93 10.35
CA LEU A 225 -9.44 8.76 8.95
C LEU A 225 -10.31 7.54 8.76
N ASP A 226 -11.54 7.80 8.36
CA ASP A 226 -12.56 6.79 8.19
C ASP A 226 -12.85 6.53 6.73
N CYS A 227 -12.87 5.26 6.33
CA CYS A 227 -13.29 4.93 4.97
C CYS A 227 -14.51 4.04 5.03
N LEU A 228 -15.23 3.98 3.91
CA LEU A 228 -16.47 3.22 3.82
C LEU A 228 -16.24 1.77 3.44
N LEU A 229 -15.14 1.51 2.76
CA LEU A 229 -14.77 0.17 2.31
C LEU A 229 -13.26 0.02 2.43
N PRO A 230 -12.77 -1.11 2.96
CA PRO A 230 -11.32 -1.33 2.85
C PRO A 230 -10.87 -1.36 1.39
N GLN A 231 -9.62 -1.01 1.12
CA GLN A 231 -9.11 -1.07 -0.24
C GLN A 231 -9.20 -2.49 -0.82
N GLU A 232 -8.99 -3.51 0.01
CA GLU A 232 -9.10 -4.88 -0.46
C GLU A 232 -10.49 -5.28 -0.90
N TRP A 233 -11.52 -4.63 -0.34
CA TRP A 233 -12.88 -4.88 -0.78
C TRP A 233 -13.15 -4.22 -2.14
N VAL A 234 -12.66 -3.00 -2.31
CA VAL A 234 -12.73 -2.35 -3.63
C VAL A 234 -12.13 -3.27 -4.69
N SER A 235 -10.93 -3.77 -4.46
CA SER A 235 -10.28 -4.59 -5.47
CA SER A 235 -10.25 -4.63 -5.42
C SER A 235 -11.02 -5.92 -5.66
N HIS A 236 -11.55 -6.49 -4.58
CA HIS A 236 -12.33 -7.72 -4.68
C HIS A 236 -13.58 -7.54 -5.53
N PHE A 237 -14.35 -6.50 -5.27
CA PHE A 237 -15.59 -6.29 -6.01
C PHE A 237 -15.28 -6.00 -7.46
N TYR A 238 -14.25 -5.20 -7.70
CA TYR A 238 -13.83 -4.90 -9.05
C TYR A 238 -13.54 -6.16 -9.85
N GLN A 239 -12.83 -7.10 -9.23
CA GLN A 239 -12.46 -8.32 -9.92
C GLN A 239 -13.60 -9.29 -10.08
N GLU A 240 -14.39 -9.45 -9.02
CA GLU A 240 -15.44 -10.45 -9.03
C GLU A 240 -16.61 -10.01 -9.88
N ALA A 241 -17.00 -8.74 -9.76
CA ALA A 241 -18.12 -8.23 -10.52
C ALA A 241 -19.36 -9.12 -10.38
N ALA A 242 -19.61 -9.56 -9.15
CA ALA A 242 -20.77 -10.40 -8.90
C ALA A 242 -22.04 -9.56 -8.91
N PRO A 243 -23.05 -9.93 -9.71
CA PRO A 243 -24.29 -9.17 -9.74
C PRO A 243 -24.97 -9.05 -8.39
N ALA A 244 -25.51 -7.88 -8.09
CA ALA A 244 -26.29 -7.69 -6.89
C ALA A 244 -27.70 -8.21 -7.09
N GLN A 245 -28.17 -9.08 -6.21
CA GLN A 245 -29.52 -9.62 -6.36
C GLN A 245 -30.59 -8.77 -5.68
N SER A 246 -30.15 -7.85 -4.82
CA SER A 246 -31.02 -6.84 -4.24
C SER A 246 -30.17 -5.61 -3.97
N ASP A 247 -30.72 -4.62 -3.27
CA ASP A 247 -29.95 -3.42 -2.95
C ASP A 247 -29.16 -3.52 -1.65
N VAL A 248 -29.33 -4.61 -0.91
CA VAL A 248 -28.72 -4.75 0.39
C VAL A 248 -28.24 -6.18 0.62
N ALA A 249 -26.95 -6.30 0.94
CA ALA A 249 -26.33 -7.57 1.28
C ALA A 249 -26.19 -7.65 2.78
N LEU A 250 -26.73 -8.70 3.38
CA LEU A 250 -26.60 -8.92 4.81
C LEU A 250 -25.27 -9.61 5.10
N LEU A 251 -24.43 -8.94 5.89
CA LEU A 251 -23.16 -9.51 6.35
C LEU A 251 -23.21 -9.84 7.83
N ARG A 252 -22.56 -10.92 8.21
CA ARG A 252 -22.32 -11.28 9.60
C ARG A 252 -20.83 -11.18 9.88
N PHE A 253 -20.48 -10.54 10.98
CA PHE A 253 -19.11 -10.48 11.43
C PHE A 253 -18.92 -11.61 12.42
N VAL A 254 -18.02 -12.53 12.08
CA VAL A 254 -17.89 -13.82 12.75
C VAL A 254 -16.57 -13.98 13.46
N ASN A 255 -16.60 -14.60 14.63
CA ASN A 255 -15.40 -15.04 15.33
C ASN A 255 -15.16 -16.50 14.97
N PRO A 256 -14.17 -16.77 14.12
CA PRO A 256 -13.99 -18.19 13.76
C PRO A 256 -13.45 -19.04 14.90
N ASP A 257 -12.98 -18.42 15.97
CA ASP A 257 -12.49 -19.19 17.13
C ASP A 257 -13.64 -19.88 17.84
N THR A 258 -14.87 -19.45 17.52
CA THR A 258 -16.05 -19.99 18.19
CA THR A 258 -16.06 -19.93 18.21
C THR A 258 -17.23 -20.15 17.26
N GLY A 259 -17.09 -19.68 16.02
CA GLY A 259 -18.16 -19.72 15.05
C GLY A 259 -19.30 -18.78 15.39
N ARG A 260 -19.17 -18.00 16.46
CA ARG A 260 -20.25 -17.12 16.89
C ARG A 260 -20.24 -15.80 16.11
N VAL A 261 -21.43 -15.36 15.74
CA VAL A 261 -21.64 -14.04 15.14
C VAL A 261 -21.57 -12.95 16.21
N LEU A 262 -20.74 -11.95 15.95
CA LEU A 262 -20.55 -10.84 16.86
C LEU A 262 -21.58 -9.73 16.58
N PHE A 263 -21.80 -9.43 15.31
CA PHE A 263 -22.85 -8.49 14.91
C PHE A 263 -23.18 -8.74 13.45
N GLU A 264 -24.30 -8.19 13.00
CA GLU A 264 -24.64 -8.20 11.59
C GLU A 264 -24.78 -6.77 11.10
N CYS A 265 -24.68 -6.61 9.80
CA CYS A 265 -24.71 -5.30 9.19
C CYS A 265 -25.21 -5.41 7.77
N LYS A 266 -25.55 -4.26 7.21
CA LYS A 266 -26.03 -4.14 5.84
C LYS A 266 -24.96 -3.53 4.97
N LEU A 267 -24.56 -4.25 3.94
CA LEU A 267 -23.70 -3.71 2.91
C LEU A 267 -24.59 -3.30 1.74
N HIS A 268 -24.71 -2.00 1.55
CA HIS A 268 -25.52 -1.48 0.48
C HIS A 268 -24.82 -1.65 -0.84
N LYS A 269 -25.62 -1.94 -1.87
CA LYS A 269 -25.10 -2.20 -3.21
C LYS A 269 -24.20 -1.06 -3.68
N SER A 270 -24.52 0.17 -3.29
CA SER A 270 -23.76 1.30 -3.81
C SER A 270 -22.44 1.50 -3.05
N GLY A 271 -22.16 0.65 -2.04
CA GLY A 271 -20.83 0.54 -1.45
C GLY A 271 -20.61 1.22 -0.11
N TYR A 272 -21.42 0.88 0.89
CA TYR A 272 -21.17 1.32 2.28
C TYR A 272 -21.95 0.44 3.21
N ILE A 273 -21.62 0.50 4.49
CA ILE A 273 -22.19 -0.40 5.49
C ILE A 273 -22.93 0.37 6.56
N THR A 274 -24.08 -0.14 6.97
CA THR A 274 -24.77 0.37 8.15
C THR A 274 -24.98 -0.72 9.21
N VAL A 275 -25.05 -0.28 10.46
CA VAL A 275 -25.31 -1.12 11.62
C VAL A 275 -26.46 -0.52 12.43
N ALA A 276 -27.13 -1.34 13.23
CA ALA A 276 -28.18 -0.86 14.12
C ALA A 276 -27.55 -0.46 15.45
N HIS A 277 -27.32 0.84 15.58
CA HIS A 277 -26.76 1.42 16.78
C HIS A 277 -27.05 2.91 16.80
N THR A 278 -27.22 3.46 18.01
CA THR A 278 -27.30 4.90 18.21
C THR A 278 -26.19 5.36 19.12
N GLY A 279 -25.37 6.27 18.62
CA GLY A 279 -24.29 6.85 19.39
C GLY A 279 -22.93 6.47 18.88
N PRO A 280 -21.91 7.17 19.37
CA PRO A 280 -20.53 6.85 19.01
C PRO A 280 -20.10 5.57 19.69
N TYR A 281 -19.44 4.70 18.92
CA TYR A 281 -19.01 3.45 19.50
C TYR A 281 -17.80 2.89 18.79
N ASP A 282 -16.78 2.60 19.59
CA ASP A 282 -15.62 1.89 19.13
C ASP A 282 -15.87 0.40 19.25
N LEU A 283 -16.03 -0.29 18.14
CA LEU A 283 -16.37 -1.71 18.22
C LEU A 283 -15.23 -2.49 18.85
N VAL A 284 -15.61 -3.55 19.56
CA VAL A 284 -14.67 -4.46 20.16
C VAL A 284 -14.73 -5.74 19.38
N ILE A 285 -13.63 -6.10 18.69
CA ILE A 285 -13.64 -7.25 17.84
C ILE A 285 -12.45 -8.13 18.13
N PRO A 286 -12.62 -9.46 17.99
CA PRO A 286 -11.48 -10.36 18.12
C PRO A 286 -10.52 -10.23 16.93
N PRO A 287 -9.22 -10.52 17.15
CA PRO A 287 -8.19 -10.38 16.11
C PRO A 287 -8.44 -11.20 14.86
N ASN A 288 -9.17 -12.31 14.99
CA ASN A 288 -9.41 -13.21 13.87
C ASN A 288 -10.78 -13.01 13.24
N GLY A 289 -11.54 -12.02 13.72
CA GLY A 289 -12.88 -11.79 13.20
C GLY A 289 -12.88 -11.35 11.76
N TYR A 290 -13.92 -11.73 11.02
CA TYR A 290 -14.05 -11.28 9.65
C TYR A 290 -15.51 -11.19 9.22
N PHE A 291 -15.76 -10.50 8.11
CA PHE A 291 -17.09 -10.37 7.56
C PHE A 291 -17.42 -11.50 6.59
N ARG A 292 -18.69 -11.92 6.60
CA ARG A 292 -19.18 -13.03 5.80
C ARG A 292 -20.52 -12.68 5.21
N PHE A 293 -20.61 -12.72 3.90
CA PHE A 293 -21.89 -12.50 3.23
C PHE A 293 -22.81 -13.69 3.44
N ASP A 294 -24.03 -13.39 3.89
CA ASP A 294 -25.01 -14.44 4.13
C ASP A 294 -26.21 -14.43 3.19
N SER A 295 -26.77 -13.27 2.89
CA SER A 295 -27.92 -13.24 1.97
C SER A 295 -28.22 -11.84 1.46
N TRP A 296 -28.91 -11.80 0.32
CA TRP A 296 -29.48 -10.57 -0.19
C TRP A 296 -30.82 -10.34 0.47
N VAL A 297 -31.02 -9.15 1.03
CA VAL A 297 -32.28 -8.87 1.71
C VAL A 297 -33.02 -7.72 1.01
N ASN A 298 -34.34 -7.69 1.18
CA ASN A 298 -35.14 -6.61 0.60
C ASN A 298 -34.86 -5.32 1.35
N GLN A 299 -35.75 -4.35 1.18
CA GLN A 299 -35.52 -3.01 1.72
C GLN A 299 -35.98 -2.91 3.17
N PHE A 300 -36.61 -3.95 3.67
CA PHE A 300 -37.32 -3.83 4.94
C PHE A 300 -36.73 -4.72 6.03
N TYR A 301 -35.41 -4.89 6.03
CA TYR A 301 -34.77 -5.80 6.99
C TYR A 301 -34.26 -5.05 8.23
N THR A 302 -34.70 -5.50 9.40
CA THR A 302 -34.24 -4.92 10.66
C THR A 302 -33.05 -5.72 11.21
N LEU A 303 -31.91 -5.04 11.34
CA LEU A 303 -30.73 -5.65 11.92
C LEU A 303 -30.89 -5.83 13.43
N ALA A 304 -30.35 -6.93 13.94
CA ALA A 304 -30.19 -7.08 15.37
C ALA A 304 -29.27 -5.98 15.88
N PRO A 305 -29.56 -5.43 17.06
CA PRO A 305 -28.68 -4.39 17.59
C PRO A 305 -27.21 -4.81 17.60
N MET A 306 -26.36 -3.94 17.09
CA MET A 306 -24.93 -4.20 17.06
C MET A 306 -24.40 -4.47 18.47
N SER B 1 -12.28 -30.34 -5.31
CA SER B 1 -11.33 -29.37 -4.74
C SER B 1 -11.51 -27.99 -5.36
N LYS B 2 -11.38 -26.96 -4.53
CA LYS B 2 -11.54 -25.58 -4.98
C LYS B 2 -10.63 -25.27 -6.16
N PRO B 3 -11.19 -24.80 -7.29
CA PRO B 3 -10.32 -24.50 -8.44
C PRO B 3 -9.36 -23.37 -8.15
N PHE B 4 -8.13 -23.57 -8.58
CA PHE B 4 -7.09 -22.56 -8.41
C PHE B 4 -7.25 -21.46 -9.46
N THR B 5 -6.97 -20.23 -9.06
CA THR B 5 -7.02 -19.06 -9.94
C THR B 5 -5.96 -18.07 -9.53
N VAL B 6 -5.54 -17.22 -10.47
CA VAL B 6 -4.77 -16.03 -10.13
C VAL B 6 -5.65 -14.81 -10.43
N PRO B 7 -5.32 -13.67 -9.82
CA PRO B 7 -6.13 -12.47 -10.07
C PRO B 7 -6.13 -12.02 -11.53
N ILE B 8 -7.17 -11.28 -11.91
CA ILE B 8 -7.26 -10.75 -13.27
C ILE B 8 -6.74 -9.34 -13.41
N LEU B 9 -6.20 -8.80 -12.32
CA LEU B 9 -5.63 -7.46 -12.37
C LEU B 9 -4.47 -7.36 -13.33
N THR B 10 -4.34 -6.21 -13.99
CA THR B 10 -3.23 -5.99 -14.88
C THR B 10 -1.98 -5.69 -14.07
N VAL B 11 -0.83 -5.78 -14.72
CA VAL B 11 0.44 -5.53 -14.04
C VAL B 11 0.44 -4.16 -13.34
N GLU B 12 0.04 -3.10 -14.05
CA GLU B 12 0.07 -1.75 -13.48
C GLU B 12 -1.04 -1.47 -12.45
N GLU B 13 -2.02 -2.36 -12.34
CA GLU B 13 -3.03 -2.26 -11.29
C GLU B 13 -2.58 -2.91 -9.98
N MET B 14 -1.39 -3.49 -9.98
CA MET B 14 -0.91 -4.23 -8.80
C MET B 14 0.30 -3.56 -8.15
N SER B 15 0.67 -4.11 -6.99
CA SER B 15 1.66 -3.55 -6.11
C SER B 15 2.85 -4.47 -5.91
N ASN B 16 4.02 -3.87 -5.77
CA ASN B 16 5.22 -4.62 -5.42
C ASN B 16 5.04 -5.20 -4.03
N SER B 17 5.51 -6.42 -3.82
CA SER B 17 5.40 -7.07 -2.55
C SER B 17 6.65 -6.91 -1.70
N ARG B 18 7.62 -6.12 -2.17
CA ARG B 18 8.85 -5.89 -1.41
C ARG B 18 9.09 -4.43 -1.03
N PHE B 19 8.18 -3.55 -1.38
CA PHE B 19 8.28 -2.11 -1.11
C PHE B 19 6.93 -1.51 -1.48
N PRO B 20 6.46 -0.48 -0.76
CA PRO B 20 5.09 0.02 -0.99
C PRO B 20 4.93 0.95 -2.21
N ILE B 21 5.11 0.36 -3.39
CA ILE B 21 5.04 1.09 -4.65
C ILE B 21 4.37 0.23 -5.70
N PRO B 22 3.78 0.84 -6.74
CA PRO B 22 3.11 0.06 -7.76
C PRO B 22 4.09 -0.75 -8.61
N LEU B 23 3.60 -1.83 -9.19
CA LEU B 23 4.34 -2.54 -10.23
C LEU B 23 4.39 -1.68 -11.49
N GLU B 24 5.46 -1.86 -12.27
CA GLU B 24 5.60 -1.15 -13.54
C GLU B 24 5.68 -2.06 -14.75
N LYS B 25 6.28 -3.24 -14.60
CA LYS B 25 6.56 -4.06 -15.76
C LYS B 25 6.99 -5.45 -15.38
N LEU B 26 7.01 -6.31 -16.38
CA LEU B 26 7.51 -7.68 -16.24
C LEU B 26 8.91 -7.74 -16.80
N TYR B 27 9.76 -8.47 -16.10
CA TYR B 27 11.16 -8.56 -16.45
C TYR B 27 11.68 -9.98 -16.21
N THR B 28 12.48 -10.49 -17.14
CA THR B 28 13.22 -11.71 -16.89
C THR B 28 14.68 -11.43 -17.13
N GLY B 29 15.53 -12.06 -16.35
CA GLY B 29 16.97 -11.92 -16.51
C GLY B 29 17.67 -13.07 -15.84
N PRO B 30 18.98 -13.19 -16.07
CA PRO B 30 19.74 -14.27 -15.47
C PRO B 30 19.90 -14.03 -13.97
N SER B 31 19.91 -15.11 -13.20
CA SER B 31 20.06 -14.97 -11.76
C SER B 31 21.20 -15.82 -11.21
N SER B 32 22.05 -16.36 -12.09
CA SER B 32 23.21 -17.15 -11.69
C SER B 32 24.20 -16.42 -10.77
N ALA B 33 24.28 -15.10 -10.86
CA ALA B 33 25.27 -14.35 -10.07
C ALA B 33 24.71 -13.95 -8.71
N PHE B 34 23.47 -14.32 -8.46
CA PHE B 34 22.75 -13.92 -7.27
C PHE B 34 22.26 -15.13 -6.50
N VAL B 35 22.04 -14.94 -5.21
CA VAL B 35 21.12 -15.80 -4.48
C VAL B 35 19.82 -15.05 -4.39
N VAL B 36 18.79 -15.60 -5.04
CA VAL B 36 17.48 -14.96 -5.06
C VAL B 36 16.68 -15.53 -3.92
N GLN B 37 16.68 -14.82 -2.79
CA GLN B 37 16.03 -15.31 -1.58
C GLN B 37 15.25 -14.21 -0.85
N PRO B 38 14.39 -13.50 -1.59
CA PRO B 38 13.61 -12.46 -0.91
C PRO B 38 12.73 -13.06 0.18
N GLN B 39 12.42 -12.28 1.19
CA GLN B 39 11.59 -12.76 2.29
C GLN B 39 10.20 -12.16 2.29
N ASN B 40 10.05 -11.03 1.60
CA ASN B 40 8.73 -10.44 1.38
C ASN B 40 8.22 -10.88 0.02
N GLY B 41 6.91 -10.93 -0.14
CA GLY B 41 6.34 -11.43 -1.39
C GLY B 41 6.50 -12.92 -1.57
N ARG B 42 6.42 -13.66 -0.47
CA ARG B 42 6.62 -15.11 -0.48
C ARG B 42 5.37 -15.78 0.06
N CYS B 43 4.74 -16.60 -0.77
CA CYS B 43 3.49 -17.25 -0.43
C CYS B 43 3.34 -18.45 -1.35
N THR B 44 2.89 -19.58 -0.82
CA THR B 44 2.58 -20.72 -1.68
C THR B 44 1.26 -20.49 -2.40
N THR B 45 1.04 -21.23 -3.47
CA THR B 45 -0.17 -21.05 -4.24
C THR B 45 -1.39 -21.46 -3.43
N ASP B 46 -1.22 -22.30 -2.41
CA ASP B 46 -2.39 -22.63 -1.60
C ASP B 46 -2.46 -21.76 -0.33
N GLY B 47 -1.72 -20.65 -0.35
CA GLY B 47 -1.95 -19.56 0.59
C GLY B 47 -1.21 -19.59 1.91
N VAL B 48 -0.09 -20.31 1.95
CA VAL B 48 0.76 -20.29 3.13
C VAL B 48 1.84 -19.22 2.99
N LEU B 49 1.78 -18.23 3.88
CA LEU B 49 2.75 -17.15 3.90
C LEU B 49 4.10 -17.62 4.38
N LEU B 50 5.15 -17.13 3.73
CA LEU B 50 6.52 -17.53 4.02
C LEU B 50 7.39 -16.33 4.37
N GLY B 51 8.54 -16.61 4.98
CA GLY B 51 9.50 -15.54 5.25
C GLY B 51 8.91 -14.52 6.19
N THR B 52 8.99 -13.27 5.76
CA THR B 52 8.49 -12.15 6.54
C THR B 52 7.23 -11.58 5.89
N THR B 53 6.59 -12.38 5.07
CA THR B 53 5.48 -11.86 4.27
C THR B 53 4.20 -11.66 5.07
N GLN B 54 3.61 -10.48 4.91
CA GLN B 54 2.28 -10.21 5.44
C GLN B 54 1.37 -9.69 4.30
N LEU B 55 0.16 -9.24 4.60
CA LEU B 55 -0.88 -9.20 3.56
C LEU B 55 -1.12 -7.87 2.85
N SER B 56 -0.62 -6.76 3.39
CA SER B 56 -0.80 -5.48 2.71
C SER B 56 0.49 -4.77 2.36
N ALA B 57 0.52 -4.17 1.18
CA ALA B 57 1.72 -3.50 0.70
C ALA B 57 2.04 -2.28 1.56
N VAL B 58 1.03 -1.68 2.16
CA VAL B 58 1.29 -0.42 2.87
C VAL B 58 2.12 -0.60 4.14
N ASN B 59 2.33 -1.83 4.58
CA ASN B 59 3.09 -2.09 5.81
C ASN B 59 4.54 -2.46 5.55
N ILE B 60 4.88 -2.68 4.29
CA ILE B 60 6.20 -3.17 3.94
C ILE B 60 7.23 -2.08 4.20
N CYS B 61 8.29 -2.45 4.89
CA CYS B 61 9.39 -1.54 5.22
C CYS B 61 8.94 -0.39 6.10
N ASN B 62 7.78 -0.53 6.76
CA ASN B 62 7.40 0.38 7.86
C ASN B 62 7.99 -0.13 9.18
N PHE B 63 8.22 0.77 10.14
CA PHE B 63 8.65 0.39 11.50
C PHE B 63 7.87 1.22 12.50
N ARG B 64 7.59 0.62 13.64
CA ARG B 64 6.92 1.29 14.75
C ARG B 64 7.60 0.94 16.05
N GLY B 65 7.59 1.90 16.96
CA GLY B 65 8.20 1.69 18.25
C GLY B 65 8.42 2.99 18.99
N ASP B 66 9.18 2.90 20.06
CA ASP B 66 9.65 4.08 20.79
C ASP B 66 11.11 4.28 20.44
N VAL B 67 11.58 5.51 20.55
CA VAL B 67 12.94 5.83 20.16
C VAL B 67 13.74 6.50 21.27
N THR B 68 15.05 6.28 21.21
CA THR B 68 16.01 6.92 22.12
C THR B 68 17.21 7.39 21.31
N ARG B 69 17.72 8.57 21.64
CA ARG B 69 18.83 9.12 20.90
C ARG B 69 20.10 8.31 21.19
N VAL B 70 20.90 8.09 20.15
CA VAL B 70 22.21 7.47 20.31
C VAL B 70 23.21 8.54 20.71
N GLY B 71 23.65 8.50 21.96
CA GLY B 71 24.60 9.48 22.47
C GLY B 71 24.07 10.88 22.28
N ILE B 72 24.87 11.74 21.63
CA ILE B 72 24.48 13.11 21.37
C ILE B 72 24.45 13.33 19.85
N SER B 73 24.22 12.23 19.14
CA SER B 73 24.21 12.25 17.69
C SER B 73 22.82 12.51 17.14
N HIS B 74 22.71 12.45 15.82
CA HIS B 74 21.43 12.57 15.12
C HIS B 74 20.80 11.20 14.87
N ASP B 75 21.41 10.15 15.43
CA ASP B 75 20.86 8.81 15.26
C ASP B 75 19.94 8.45 16.42
N TYR B 76 18.93 7.64 16.10
CA TYR B 76 17.97 7.16 17.09
C TYR B 76 17.79 5.65 16.97
N THR B 77 17.75 4.98 18.11
CA THR B 77 17.39 3.57 18.19
C THR B 77 15.89 3.47 18.33
N MET B 78 15.26 2.65 17.49
CA MET B 78 13.85 2.31 17.66
C MET B 78 13.71 0.92 18.26
N ASN B 79 13.05 0.85 19.41
CA ASN B 79 12.66 -0.42 20.00
C ASN B 79 11.32 -0.83 19.44
N LEU B 80 11.33 -1.86 18.61
CA LEU B 80 10.17 -2.20 17.81
C LEU B 80 8.99 -2.74 18.59
N VAL B 81 7.82 -2.37 18.09
CA VAL B 81 6.56 -2.99 18.46
C VAL B 81 5.90 -3.53 17.21
N SER B 82 4.76 -4.17 17.38
CA SER B 82 4.02 -4.73 16.25
C SER B 82 3.25 -3.64 15.54
N GLN B 83 2.65 -4.01 14.41
CA GLN B 83 1.88 -3.09 13.58
C GLN B 83 0.79 -2.37 14.36
N ASN B 84 0.18 -3.07 15.32
CA ASN B 84 -0.91 -2.46 16.11
C ASN B 84 -0.43 -1.94 17.47
N TRP B 85 0.88 -1.74 17.57
CA TRP B 85 1.55 -1.12 18.72
C TRP B 85 1.66 -2.03 19.93
N ASN B 86 1.35 -3.31 19.78
CA ASN B 86 1.57 -4.26 20.88
C ASN B 86 3.02 -4.75 20.91
N ASN B 87 3.43 -5.35 22.02
CA ASN B 87 4.81 -5.78 22.14
CA ASN B 87 4.79 -5.88 22.16
C ASN B 87 5.23 -6.73 20.99
N TYR B 88 6.48 -6.56 20.53
CA TYR B 88 7.02 -7.47 19.51
C TYR B 88 7.56 -8.72 20.18
N ASP B 89 7.34 -9.89 19.58
CA ASP B 89 7.77 -11.17 20.16
C ASP B 89 8.93 -11.78 19.37
N PRO B 90 10.17 -11.65 19.88
CA PRO B 90 11.33 -12.17 19.14
C PRO B 90 11.38 -13.70 19.02
N THR B 91 10.56 -14.42 19.79
CA THR B 91 10.62 -15.87 19.79
C THR B 91 9.73 -16.50 18.71
N GLU B 92 8.94 -15.70 18.00
CA GLU B 92 8.14 -16.22 16.90
C GLU B 92 9.07 -16.78 15.84
N GLU B 93 8.69 -17.91 15.22
CA GLU B 93 9.56 -18.61 14.28
C GLU B 93 9.48 -18.01 12.88
N ILE B 94 9.89 -16.74 12.81
CA ILE B 94 10.00 -15.98 11.56
C ILE B 94 11.39 -15.34 11.56
N PRO B 95 11.87 -14.90 10.40
CA PRO B 95 13.23 -14.32 10.32
C PRO B 95 13.39 -12.99 11.02
N ALA B 96 12.28 -12.26 11.11
CA ALA B 96 12.23 -10.89 11.55
C ALA B 96 10.76 -10.51 11.51
N PRO B 97 10.40 -9.38 12.12
CA PRO B 97 8.99 -8.98 12.03
C PRO B 97 8.45 -9.01 10.60
N LEU B 98 7.16 -9.33 10.45
CA LEU B 98 6.59 -9.32 9.13
C LEU B 98 6.71 -7.92 8.54
N GLY B 99 7.13 -7.87 7.29
CA GLY B 99 7.26 -6.63 6.56
C GLY B 99 8.65 -6.00 6.65
N THR B 100 9.55 -6.55 7.47
CA THR B 100 10.93 -6.07 7.56
C THR B 100 11.59 -6.01 6.18
N PRO B 101 12.36 -4.95 5.88
CA PRO B 101 13.10 -4.95 4.61
C PRO B 101 13.91 -6.22 4.38
N ASP B 102 13.90 -6.72 3.15
CA ASP B 102 14.63 -7.97 2.83
C ASP B 102 15.78 -7.74 1.86
N PHE B 103 16.37 -6.54 1.88
CA PHE B 103 17.53 -6.26 1.08
C PHE B 103 18.45 -5.34 1.84
N VAL B 104 19.72 -5.32 1.45
CA VAL B 104 20.73 -4.44 2.03
C VAL B 104 20.74 -3.14 1.27
N GLY B 105 20.43 -2.06 1.98
CA GLY B 105 20.34 -0.76 1.38
C GLY B 105 19.96 0.26 2.41
N LYS B 106 20.00 1.52 1.98
CA LYS B 106 19.71 2.64 2.84
C LYS B 106 18.37 3.19 2.40
N ILE B 107 17.37 3.00 3.24
CA ILE B 107 15.99 3.37 2.93
C ILE B 107 15.68 4.69 3.61
N GLN B 108 15.29 5.69 2.82
CA GLN B 108 14.93 6.98 3.36
C GLN B 108 13.42 7.15 3.40
N GLY B 109 12.96 7.86 4.43
CA GLY B 109 11.56 8.16 4.62
C GLY B 109 11.40 9.23 5.67
N LEU B 110 10.24 9.25 6.33
CA LEU B 110 10.01 10.15 7.44
C LEU B 110 9.74 9.35 8.68
N LEU B 111 10.37 9.79 9.75
CA LEU B 111 10.12 9.28 11.08
C LEU B 111 9.17 10.26 11.73
N THR B 112 8.00 9.78 12.14
CA THR B 112 6.94 10.62 12.70
C THR B 112 6.65 10.20 14.13
N GLN B 113 6.17 11.15 14.94
CA GLN B 113 5.87 10.84 16.32
C GLN B 113 4.73 11.68 16.82
N THR B 114 3.93 11.08 17.70
CA THR B 114 2.88 11.74 18.45
C THR B 114 3.16 11.64 19.93
N THR B 115 2.91 12.74 20.63
CA THR B 115 2.92 12.75 22.09
C THR B 115 1.51 12.53 22.59
N ARG B 116 1.26 11.39 23.21
CA ARG B 116 -0.08 10.98 23.55
C ARG B 116 -0.81 12.00 24.42
N ALA B 117 -0.11 12.53 25.41
CA ALA B 117 -0.77 13.35 26.41
C ALA B 117 -1.39 14.63 25.85
N ASP B 118 -0.81 15.20 24.78
CA ASP B 118 -1.32 16.47 24.30
C ASP B 118 -1.57 16.53 22.81
N GLY B 119 -1.35 15.41 22.13
CA GLY B 119 -1.60 15.33 20.69
C GLY B 119 -0.63 16.09 19.80
N SER B 120 0.49 16.52 20.34
CA SER B 120 1.50 17.20 19.52
C SER B 120 2.23 16.18 18.66
N THR B 121 2.65 16.64 17.48
CA THR B 121 3.25 15.74 16.51
C THR B 121 4.47 16.33 15.84
N ARG B 122 5.25 15.48 15.18
CA ARG B 122 6.53 15.89 14.61
C ARG B 122 6.96 14.89 13.58
N ALA B 123 7.81 15.34 12.65
CA ALA B 123 8.32 14.49 11.59
C ALA B 123 9.71 14.96 11.16
N HIS B 124 10.59 14.00 10.91
CA HIS B 124 11.94 14.27 10.45
C HIS B 124 12.40 13.28 9.41
N LYS B 125 13.13 13.77 8.43
CA LYS B 125 13.71 12.91 7.44
C LYS B 125 14.63 11.93 8.15
N ALA B 126 14.55 10.67 7.76
CA ALA B 126 15.36 9.63 8.39
C ALA B 126 15.72 8.55 7.41
N THR B 127 16.83 7.89 7.70
CA THR B 127 17.31 6.80 6.89
C THR B 127 17.63 5.62 7.78
N VAL B 128 17.25 4.41 7.33
CA VAL B 128 17.67 3.19 7.99
C VAL B 128 18.58 2.42 7.03
N SER B 129 19.80 2.16 7.49
CA SER B 129 20.77 1.37 6.77
C SER B 129 20.65 -0.10 7.17
N THR B 130 20.14 -0.93 6.27
CA THR B 130 19.82 -2.29 6.67
C THR B 130 21.05 -3.18 6.69
N GLY B 131 22.19 -2.68 6.21
CA GLY B 131 23.44 -3.41 6.27
C GLY B 131 24.27 -3.06 7.49
N SER B 132 23.80 -2.08 8.26
CA SER B 132 24.45 -1.69 9.50
C SER B 132 24.41 -2.77 10.56
N VAL B 133 25.43 -2.81 11.41
CA VAL B 133 25.40 -3.75 12.51
C VAL B 133 24.30 -3.42 13.51
N HIS B 134 23.71 -2.23 13.38
CA HIS B 134 22.65 -1.82 14.30
C HIS B 134 21.28 -2.16 13.74
N PHE B 135 21.23 -2.75 12.55
CA PHE B 135 19.99 -3.25 11.99
C PHE B 135 19.75 -4.63 12.56
N THR B 136 19.01 -4.70 13.65
CA THR B 136 18.80 -5.94 14.36
C THR B 136 17.30 -6.16 14.63
N PRO B 137 16.48 -6.09 13.56
CA PRO B 137 15.04 -6.20 13.80
C PRO B 137 14.61 -7.50 14.48
N LYS B 138 15.30 -8.60 14.22
CA LYS B 138 14.93 -9.85 14.86
C LYS B 138 15.12 -9.77 16.37
N LEU B 139 16.09 -8.98 16.80
CA LEU B 139 16.32 -8.77 18.23
C LEU B 139 15.39 -7.70 18.79
N GLY B 140 14.74 -6.94 17.93
CA GLY B 140 13.77 -5.94 18.36
C GLY B 140 14.20 -4.50 18.27
N SER B 141 15.27 -4.20 17.54
CA SER B 141 15.65 -2.81 17.38
C SER B 141 16.33 -2.53 16.06
N VAL B 142 16.11 -1.33 15.56
CA VAL B 142 16.85 -0.83 14.42
C VAL B 142 17.27 0.62 14.70
N GLN B 143 18.25 1.09 13.95
CA GLN B 143 18.77 2.44 14.14
C GLN B 143 18.51 3.29 12.91
N PHE B 144 18.09 4.53 13.15
CA PHE B 144 17.87 5.53 12.11
C PHE B 144 18.86 6.68 12.23
N THR B 145 19.29 7.20 11.09
CA THR B 145 19.94 8.51 11.05
C THR B 145 18.89 9.52 10.68
N THR B 146 18.79 10.60 11.43
CA THR B 146 17.72 11.57 11.22
C THR B 146 18.31 12.97 11.04
N ASP B 147 17.45 13.94 10.73
CA ASP B 147 17.90 15.32 10.63
C ASP B 147 17.72 16.11 11.95
N THR B 148 17.52 15.41 13.06
CA THR B 148 17.43 16.08 14.36
C THR B 148 18.29 15.38 15.41
N ASN B 149 18.72 16.13 16.42
CA ASN B 149 19.37 15.53 17.59
C ASN B 149 18.62 15.87 18.87
N ASN B 150 17.38 16.36 18.77
CA ASN B 150 16.69 16.82 19.96
C ASN B 150 15.17 16.77 19.95
N ASP B 151 14.54 16.58 18.80
CA ASP B 151 13.08 16.80 18.76
C ASP B 151 12.26 15.56 19.14
N PHE B 152 12.81 14.37 18.97
CA PHE B 152 12.06 13.17 19.34
C PHE B 152 12.04 12.95 20.84
N GLN B 153 10.86 12.57 21.34
CA GLN B 153 10.66 12.29 22.76
C GLN B 153 10.74 10.81 23.04
N THR B 154 11.16 10.47 24.24
CA THR B 154 11.19 9.09 24.67
C THR B 154 9.80 8.64 25.10
N GLY B 155 9.57 7.35 24.93
CA GLY B 155 8.36 6.68 25.39
C GLY B 155 7.13 7.07 24.61
N GLN B 156 7.31 7.63 23.42
CA GLN B 156 6.18 7.99 22.58
C GLN B 156 6.16 7.18 21.29
N ASN B 157 4.95 6.89 20.81
CA ASN B 157 4.79 6.08 19.61
C ASN B 157 5.36 6.81 18.40
N THR B 158 6.22 6.08 17.69
CA THR B 158 7.01 6.61 16.59
C THR B 158 6.87 5.67 15.40
N LYS B 159 6.70 6.21 14.20
CA LYS B 159 6.54 5.41 12.99
C LYS B 159 7.51 5.87 11.91
N PHE B 160 8.12 4.91 11.24
CA PHE B 160 8.88 5.17 10.01
C PHE B 160 8.05 4.77 8.81
N THR B 161 7.82 5.73 7.92
CA THR B 161 7.20 5.49 6.63
C THR B 161 8.27 5.57 5.55
N PRO B 162 8.49 4.48 4.81
CA PRO B 162 9.55 4.46 3.81
C PRO B 162 9.13 5.24 2.56
N VAL B 163 10.07 5.84 1.86
CA VAL B 163 9.78 6.51 0.60
C VAL B 163 10.65 5.98 -0.54
N GLY B 164 11.94 5.87 -0.31
CA GLY B 164 12.85 5.49 -1.37
C GLY B 164 14.19 5.07 -0.81
N VAL B 165 15.19 5.08 -1.69
CA VAL B 165 16.52 4.62 -1.33
C VAL B 165 17.57 5.64 -1.71
N ILE B 166 18.70 5.58 -1.00
CA ILE B 166 19.82 6.49 -1.28
C ILE B 166 21.10 5.71 -1.59
N GLN B 167 22.10 6.44 -2.08
CA GLN B 167 23.39 5.84 -2.38
C GLN B 167 24.50 6.85 -2.08
N ASP B 168 25.65 6.33 -1.69
CA ASP B 168 26.84 7.13 -1.38
C ASP B 168 28.06 6.54 -2.08
N GLY B 169 28.83 7.38 -2.77
CA GLY B 169 30.12 6.95 -3.28
C GLY B 169 30.28 7.04 -4.78
N ASP B 170 31.53 6.96 -5.22
CA ASP B 170 31.87 7.16 -6.61
C ASP B 170 31.45 6.01 -7.51
N HIS B 171 31.16 4.85 -6.91
CA HIS B 171 30.70 3.69 -7.67
C HIS B 171 29.17 3.75 -7.79
N HIS B 172 28.68 4.33 -8.87
CA HIS B 172 27.25 4.58 -8.97
C HIS B 172 26.45 3.29 -9.11
N GLN B 173 25.23 3.32 -8.57
CA GLN B 173 24.31 2.19 -8.54
C GLN B 173 24.91 0.98 -7.80
N ASN B 174 25.82 1.22 -6.88
CA ASN B 174 26.42 0.11 -6.14
C ASN B 174 25.52 -0.37 -4.98
N GLU B 175 24.52 0.44 -4.65
CA GLU B 175 23.58 0.10 -3.60
C GLU B 175 22.25 0.77 -3.97
N PRO B 176 21.13 0.25 -3.48
CA PRO B 176 20.94 -0.99 -2.70
C PRO B 176 21.38 -2.24 -3.44
N GLN B 177 21.48 -3.34 -2.70
CA GLN B 177 21.73 -4.66 -3.26
C GLN B 177 20.47 -5.50 -3.02
N GLN B 178 19.59 -5.56 -4.00
CA GLN B 178 18.26 -6.09 -3.74
C GLN B 178 18.26 -7.60 -3.46
N TRP B 179 19.32 -8.30 -3.86
CA TRP B 179 19.35 -9.75 -3.67
C TRP B 179 20.28 -10.17 -2.54
N VAL B 180 20.67 -9.22 -1.71
CA VAL B 180 21.45 -9.53 -0.51
C VAL B 180 20.58 -9.31 0.72
N LEU B 181 20.31 -10.39 1.45
CA LEU B 181 19.55 -10.29 2.68
C LEU B 181 20.33 -9.59 3.76
N PRO B 182 19.66 -8.73 4.54
CA PRO B 182 20.29 -8.23 5.75
C PRO B 182 20.56 -9.33 6.75
N ASN B 183 21.41 -9.06 7.73
CA ASN B 183 21.54 -9.90 8.91
C ASN B 183 20.52 -9.43 9.95
N TYR B 184 19.40 -10.13 10.03
CA TYR B 184 18.30 -9.65 10.84
C TYR B 184 18.65 -9.58 12.33
N SER B 185 19.63 -10.36 12.78
CA SER B 185 20.09 -10.26 14.17
C SER B 185 21.46 -9.61 14.29
N GLY B 186 21.89 -8.92 13.24
CA GLY B 186 23.20 -8.29 13.24
C GLY B 186 24.30 -9.32 13.35
N THR B 187 25.31 -9.00 14.14
CA THR B 187 26.44 -9.90 14.35
C THR B 187 26.16 -10.95 15.41
N SER B 188 25.00 -10.89 16.05
CA SER B 188 24.70 -11.81 17.16
C SER B 188 24.41 -13.22 16.70
N GLY B 189 23.90 -13.37 15.49
CA GLY B 189 23.57 -14.71 15.01
C GLY B 189 23.18 -14.71 13.56
N HIS B 190 23.04 -15.91 13.03
CA HIS B 190 22.67 -16.08 11.62
CA HIS B 190 22.66 -16.09 11.63
C HIS B 190 21.16 -15.94 11.46
N ASN B 191 20.75 -15.74 10.22
CA ASN B 191 19.34 -15.63 9.89
C ASN B 191 18.67 -16.97 10.09
N VAL B 192 17.40 -16.95 10.49
CA VAL B 192 16.64 -18.15 10.75
C VAL B 192 15.28 -18.10 10.07
N HIS B 193 14.71 -19.29 9.87
CA HIS B 193 13.34 -19.43 9.39
C HIS B 193 13.09 -18.77 8.04
N LEU B 194 14.12 -18.73 7.21
CA LEU B 194 13.99 -18.10 5.90
C LEU B 194 13.15 -18.89 4.91
N ALA B 195 12.41 -18.15 4.09
CA ALA B 195 11.87 -18.72 2.87
C ALA B 195 13.05 -19.12 2.01
N PRO B 196 12.94 -20.23 1.28
CA PRO B 196 14.13 -20.69 0.56
C PRO B 196 14.52 -19.84 -0.64
N ALA B 197 15.78 -19.98 -1.06
CA ALA B 197 16.21 -19.38 -2.31
C ALA B 197 15.47 -20.04 -3.46
N VAL B 198 15.27 -19.29 -4.53
CA VAL B 198 14.65 -19.83 -5.72
C VAL B 198 15.58 -19.68 -6.91
N ALA B 199 15.49 -20.63 -7.83
CA ALA B 199 16.31 -20.59 -9.02
C ALA B 199 15.66 -21.44 -10.08
N PRO B 200 15.88 -21.09 -11.35
CA PRO B 200 15.40 -21.98 -12.41
C PRO B 200 16.27 -23.24 -12.41
N THR B 201 15.67 -24.40 -12.69
CA THR B 201 16.44 -25.63 -12.74
C THR B 201 16.35 -26.29 -14.12
N PHE B 202 15.34 -25.91 -14.89
CA PHE B 202 15.06 -26.55 -16.16
C PHE B 202 15.82 -25.85 -17.28
N PRO B 203 16.42 -26.60 -18.21
CA PRO B 203 17.24 -25.92 -19.22
C PRO B 203 16.49 -24.89 -20.03
N GLY B 204 17.10 -23.71 -20.15
CA GLY B 204 16.53 -22.61 -20.89
C GLY B 204 15.59 -21.72 -20.11
N GLU B 205 15.44 -21.97 -18.81
CA GLU B 205 14.50 -21.17 -18.04
C GLU B 205 15.19 -20.09 -17.20
N GLN B 206 14.42 -19.04 -16.94
CA GLN B 206 14.78 -17.95 -16.03
C GLN B 206 13.58 -17.66 -15.15
N LEU B 207 13.85 -17.02 -14.02
CA LEU B 207 12.80 -16.41 -13.22
C LEU B 207 12.11 -15.29 -13.98
N LEU B 208 10.81 -15.14 -13.72
CA LEU B 208 10.06 -13.99 -14.18
C LEU B 208 9.81 -13.11 -12.96
N PHE B 209 10.16 -11.84 -13.10
CA PHE B 209 10.04 -10.88 -12.03
C PHE B 209 8.96 -9.85 -12.30
N PHE B 210 8.33 -9.41 -11.23
CA PHE B 210 7.44 -8.28 -11.26
C PHE B 210 8.27 -7.08 -10.78
N ARG B 211 8.50 -6.13 -11.69
CA ARG B 211 9.50 -5.08 -11.46
C ARG B 211 8.93 -3.69 -11.20
N SER B 212 9.56 -2.99 -10.25
CA SER B 212 9.24 -1.59 -9.94
C SER B 212 10.53 -0.80 -9.91
N THR B 213 10.38 0.52 -9.90
CA THR B 213 11.49 1.43 -9.75
C THR B 213 11.30 2.17 -8.43
N MET B 214 12.17 1.94 -7.47
CA MET B 214 12.06 2.62 -6.18
C MET B 214 12.42 4.08 -6.36
N PRO B 215 11.66 4.97 -5.71
CA PRO B 215 12.14 6.36 -5.72
C PRO B 215 13.55 6.48 -5.16
N GLY B 216 14.35 7.34 -5.78
CA GLY B 216 15.65 7.68 -5.28
C GLY B 216 15.62 8.98 -4.51
N CYS B 217 16.33 9.02 -3.41
CA CYS B 217 16.25 10.15 -2.49
C CYS B 217 17.58 10.90 -2.28
N SER B 218 18.68 10.39 -2.81
CA SER B 218 19.99 11.04 -2.74
C SER B 218 21.02 10.18 -3.44
N GLY B 219 22.02 10.82 -4.06
CA GLY B 219 23.06 10.09 -4.75
C GLY B 219 22.59 9.35 -5.97
N TYR B 220 23.21 8.20 -6.23
CA TYR B 220 23.00 7.46 -7.47
C TYR B 220 22.62 6.01 -7.20
N PRO B 221 21.43 5.81 -6.64
CA PRO B 221 21.07 4.44 -6.25
C PRO B 221 20.67 3.54 -7.41
N ASN B 222 20.84 2.24 -7.21
CA ASN B 222 20.18 1.23 -8.02
C ASN B 222 18.73 1.11 -7.59
N MET B 223 17.83 1.63 -8.40
CA MET B 223 16.42 1.70 -8.01
C MET B 223 15.58 0.51 -8.48
N ASN B 224 16.18 -0.47 -9.14
CA ASN B 224 15.43 -1.65 -9.54
C ASN B 224 14.97 -2.50 -8.35
N LEU B 225 13.71 -2.88 -8.35
CA LEU B 225 13.22 -3.79 -7.32
C LEU B 225 12.28 -4.81 -7.92
N ASP B 226 12.73 -6.06 -7.87
CA ASP B 226 12.02 -7.21 -8.43
C ASP B 226 11.35 -8.03 -7.34
N CYS B 227 10.09 -8.37 -7.54
CA CYS B 227 9.47 -9.29 -6.61
C CYS B 227 9.00 -10.54 -7.36
N LEU B 228 8.79 -11.62 -6.61
CA LEU B 228 8.41 -12.89 -7.22
C LEU B 228 6.91 -13.03 -7.44
N LEU B 229 6.12 -12.29 -6.65
CA LEU B 229 4.67 -12.34 -6.69
C LEU B 229 4.16 -10.94 -6.40
N PRO B 230 3.18 -10.45 -7.16
CA PRO B 230 2.55 -9.19 -6.73
C PRO B 230 1.92 -9.34 -5.35
N GLN B 231 1.83 -8.25 -4.61
CA GLN B 231 1.19 -8.33 -3.30
C GLN B 231 -0.26 -8.83 -3.43
N GLU B 232 -0.95 -8.44 -4.51
CA GLU B 232 -2.32 -8.86 -4.68
C GLU B 232 -2.44 -10.36 -4.95
N TRP B 233 -1.39 -10.99 -5.47
CA TRP B 233 -1.40 -12.44 -5.62
C TRP B 233 -1.22 -13.12 -4.25
N VAL B 234 -0.33 -12.56 -3.42
CA VAL B 234 -0.19 -13.05 -2.06
C VAL B 234 -1.55 -13.03 -1.36
N SER B 235 -2.21 -11.89 -1.38
CA SER B 235 -3.51 -11.80 -0.71
CA SER B 235 -3.51 -11.77 -0.74
C SER B 235 -4.53 -12.75 -1.32
N HIS B 236 -4.52 -12.92 -2.65
CA HIS B 236 -5.45 -13.81 -3.33
C HIS B 236 -5.26 -15.26 -2.87
N PHE B 237 -4.01 -15.73 -2.87
CA PHE B 237 -3.73 -17.12 -2.53
C PHE B 237 -4.07 -17.38 -1.06
N TYR B 238 -3.72 -16.42 -0.21
CA TYR B 238 -3.99 -16.53 1.21
C TYR B 238 -5.50 -16.70 1.48
N GLN B 239 -6.31 -15.95 0.75
CA GLN B 239 -7.75 -16.02 0.94
C GLN B 239 -8.40 -17.24 0.30
N GLU B 240 -8.00 -17.56 -0.93
CA GLU B 240 -8.62 -18.68 -1.64
C GLU B 240 -8.21 -20.03 -1.07
N ALA B 241 -6.92 -20.14 -0.73
CA ALA B 241 -6.36 -21.41 -0.25
C ALA B 241 -6.82 -22.58 -1.09
N ALA B 242 -6.75 -22.42 -2.40
CA ALA B 242 -7.06 -23.50 -3.34
C ALA B 242 -5.91 -24.51 -3.32
N PRO B 243 -6.21 -25.80 -3.12
CA PRO B 243 -5.15 -26.80 -3.06
C PRO B 243 -4.39 -26.97 -4.37
N ALA B 244 -3.07 -27.08 -4.28
CA ALA B 244 -2.28 -27.36 -5.47
C ALA B 244 -2.49 -28.81 -5.87
N GLN B 245 -2.79 -29.03 -7.15
CA GLN B 245 -3.01 -30.39 -7.64
C GLN B 245 -1.77 -31.01 -8.26
N SER B 246 -0.73 -30.21 -8.44
CA SER B 246 0.58 -30.67 -8.88
C SER B 246 1.62 -29.63 -8.46
N ASP B 247 2.87 -29.85 -8.83
CA ASP B 247 3.96 -28.96 -8.44
C ASP B 247 3.97 -27.60 -9.11
N VAL B 248 3.30 -27.49 -10.25
CA VAL B 248 3.40 -26.32 -11.10
C VAL B 248 2.06 -25.99 -11.73
N ALA B 249 1.69 -24.72 -11.65
CA ALA B 249 0.52 -24.19 -12.31
C ALA B 249 0.94 -23.50 -13.60
N LEU B 250 0.47 -24.01 -14.72
CA LEU B 250 0.75 -23.40 -16.02
C LEU B 250 -0.15 -22.19 -16.21
N LEU B 251 0.45 -21.02 -16.39
CA LEU B 251 -0.27 -19.78 -16.64
C LEU B 251 -0.04 -19.31 -18.06
N ARG B 252 -1.08 -18.74 -18.65
CA ARG B 252 -0.98 -18.06 -19.94
C ARG B 252 -1.24 -16.57 -19.73
N PHE B 253 -0.42 -15.73 -20.36
CA PHE B 253 -0.60 -14.29 -20.30
C PHE B 253 -1.35 -13.91 -21.56
N VAL B 254 -2.53 -13.35 -21.38
CA VAL B 254 -3.49 -13.17 -22.47
C VAL B 254 -3.79 -11.71 -22.73
N ASN B 255 -3.95 -11.37 -24.00
CA ASN B 255 -4.43 -10.06 -24.40
C ASN B 255 -5.94 -10.15 -24.51
N PRO B 256 -6.69 -9.42 -23.67
CA PRO B 256 -8.15 -9.34 -23.84
C PRO B 256 -8.57 -8.86 -25.22
N ASP B 257 -7.76 -8.04 -25.87
CA ASP B 257 -8.13 -7.43 -27.17
C ASP B 257 -8.37 -8.48 -28.24
N THR B 258 -7.49 -9.47 -28.28
CA THR B 258 -7.49 -10.49 -29.33
C THR B 258 -7.85 -11.88 -28.78
N GLY B 259 -7.80 -12.02 -27.46
CA GLY B 259 -7.97 -13.34 -26.83
C GLY B 259 -6.71 -14.17 -26.97
N ARG B 260 -5.71 -13.61 -27.63
CA ARG B 260 -4.47 -14.31 -27.94
C ARG B 260 -3.52 -14.44 -26.75
N VAL B 261 -2.84 -15.57 -26.71
CA VAL B 261 -1.82 -15.80 -25.71
C VAL B 261 -0.53 -15.12 -26.16
N LEU B 262 0.05 -14.32 -25.27
CA LEU B 262 1.32 -13.66 -25.53
C LEU B 262 2.49 -14.56 -25.17
N PHE B 263 2.42 -15.18 -23.99
CA PHE B 263 3.42 -16.13 -23.55
C PHE B 263 2.83 -17.00 -22.47
N GLU B 264 3.53 -18.05 -22.12
CA GLU B 264 3.13 -18.90 -21.00
C GLU B 264 4.28 -19.06 -20.03
N CYS B 265 3.95 -19.46 -18.80
CA CYS B 265 4.95 -19.54 -17.74
C CYS B 265 4.53 -20.56 -16.70
N LYS B 266 5.48 -20.90 -15.85
CA LYS B 266 5.29 -21.92 -14.83
C LYS B 266 5.24 -21.26 -13.46
N LEU B 267 4.08 -21.25 -12.83
CA LEU B 267 3.96 -20.81 -11.45
C LEU B 267 4.17 -22.01 -10.54
N HIS B 268 5.34 -22.10 -9.95
CA HIS B 268 5.66 -23.17 -9.01
C HIS B 268 4.85 -23.04 -7.74
N LYS B 269 4.35 -24.15 -7.21
CA LYS B 269 3.42 -24.09 -6.08
C LYS B 269 4.03 -23.42 -4.85
N SER B 270 5.35 -23.39 -4.75
CA SER B 270 6.00 -22.72 -3.63
C SER B 270 6.10 -21.21 -3.82
N GLY B 271 5.64 -20.72 -4.96
CA GLY B 271 5.36 -19.29 -5.11
C GLY B 271 6.37 -18.47 -5.88
N TYR B 272 6.72 -18.90 -7.08
CA TYR B 272 7.55 -18.11 -7.97
C TYR B 272 7.32 -18.61 -9.39
N ILE B 273 7.69 -17.78 -10.37
CA ILE B 273 7.43 -18.07 -11.77
C ILE B 273 8.71 -18.25 -12.57
N THR B 274 8.74 -19.24 -13.45
CA THR B 274 9.76 -19.31 -14.48
C THR B 274 9.18 -19.23 -15.89
N VAL B 275 10.02 -18.73 -16.79
CA VAL B 275 9.74 -18.64 -18.20
C VAL B 275 10.90 -19.24 -18.98
N ALA B 276 10.63 -19.57 -20.24
CA ALA B 276 11.67 -20.08 -21.14
C ALA B 276 12.34 -18.91 -21.87
N HIS B 277 13.40 -18.40 -21.26
CA HIS B 277 14.15 -17.31 -21.86
C HIS B 277 15.54 -17.23 -21.26
N THR B 278 16.49 -16.72 -22.04
CA THR B 278 17.85 -16.49 -21.58
C THR B 278 18.29 -15.07 -21.90
N GLY B 279 18.78 -14.38 -20.88
CA GLY B 279 19.22 -13.01 -21.00
C GLY B 279 18.21 -12.04 -20.44
N PRO B 280 18.62 -10.78 -20.31
CA PRO B 280 17.75 -9.71 -19.81
C PRO B 280 16.71 -9.33 -20.84
N TYR B 281 15.45 -9.21 -20.42
CA TYR B 281 14.37 -8.90 -21.34
C TYR B 281 13.23 -8.22 -20.60
N ASP B 282 12.96 -6.98 -21.01
CA ASP B 282 11.78 -6.24 -20.61
C ASP B 282 10.64 -6.73 -21.49
N LEU B 283 9.70 -7.45 -20.91
CA LEU B 283 8.65 -8.05 -21.74
C LEU B 283 7.81 -6.97 -22.39
N VAL B 284 7.51 -7.18 -23.67
CA VAL B 284 6.61 -6.29 -24.41
C VAL B 284 5.20 -6.82 -24.30
N ILE B 285 4.37 -6.12 -23.53
CA ILE B 285 3.00 -6.56 -23.25
C ILE B 285 2.01 -5.43 -23.45
N PRO B 286 0.77 -5.76 -23.84
CA PRO B 286 -0.32 -4.78 -23.83
C PRO B 286 -0.70 -4.46 -22.38
N PRO B 287 -1.07 -3.21 -22.10
CA PRO B 287 -1.31 -2.83 -20.71
C PRO B 287 -2.51 -3.52 -20.07
N ASN B 288 -3.42 -4.04 -20.89
CA ASN B 288 -4.58 -4.74 -20.36
C ASN B 288 -4.38 -6.24 -20.28
N GLY B 289 -3.18 -6.72 -20.54
CA GLY B 289 -2.88 -8.14 -20.48
C GLY B 289 -2.99 -8.68 -19.07
N TYR B 290 -3.29 -9.97 -18.92
CA TYR B 290 -3.35 -10.56 -17.60
C TYR B 290 -3.05 -12.04 -17.66
N PHE B 291 -2.69 -12.58 -16.51
CA PHE B 291 -2.40 -14.00 -16.37
C PHE B 291 -3.67 -14.80 -16.14
N ARG B 292 -3.70 -16.00 -16.70
CA ARG B 292 -4.82 -16.92 -16.56
C ARG B 292 -4.30 -18.32 -16.25
N PHE B 293 -4.80 -18.94 -15.20
CA PHE B 293 -4.42 -20.31 -14.88
C PHE B 293 -5.08 -21.26 -15.86
N ASP B 294 -4.30 -22.16 -16.45
CA ASP B 294 -4.85 -23.08 -17.43
C ASP B 294 -4.81 -24.54 -16.97
N SER B 295 -3.70 -25.01 -16.44
CA SER B 295 -3.67 -26.40 -15.95
C SER B 295 -2.51 -26.71 -15.00
N TRP B 296 -2.65 -27.83 -14.31
CA TRP B 296 -1.66 -28.33 -13.40
C TRP B 296 -0.65 -29.21 -14.13
N VAL B 297 0.62 -28.85 -14.07
CA VAL B 297 1.67 -29.58 -14.77
C VAL B 297 2.84 -29.91 -13.84
N ASN B 298 3.97 -30.41 -14.35
CA ASN B 298 5.08 -30.72 -13.44
C ASN B 298 6.29 -29.83 -13.73
N GLN B 299 7.36 -30.02 -12.96
CA GLN B 299 8.52 -29.15 -13.05
C GLN B 299 9.29 -29.30 -14.36
N PHE B 300 9.04 -30.39 -15.08
CA PHE B 300 9.74 -30.65 -16.33
C PHE B 300 8.96 -30.24 -17.56
N TYR B 301 7.84 -29.54 -17.36
CA TYR B 301 7.04 -29.08 -18.46
C TYR B 301 7.87 -28.14 -19.33
N THR B 302 7.98 -28.44 -20.62
CA THR B 302 8.71 -27.59 -21.55
C THR B 302 7.82 -26.51 -22.12
N LEU B 303 8.05 -25.26 -21.70
CA LEU B 303 7.26 -24.13 -22.16
C LEU B 303 7.53 -23.75 -23.60
N ALA B 304 6.52 -23.19 -24.25
CA ALA B 304 6.76 -22.44 -25.47
C ALA B 304 7.75 -21.32 -25.16
N PRO B 305 8.81 -21.18 -25.98
CA PRO B 305 9.79 -20.14 -25.70
C PRO B 305 9.19 -18.76 -25.67
N MET B 306 9.65 -17.96 -24.73
CA MET B 306 9.26 -16.57 -24.72
C MET B 306 9.67 -15.90 -26.04
#